data_1F77
#
_entry.id   1F77
#
_cell.length_a   48.26
_cell.length_b   103.39
_cell.length_c   117.14
_cell.angle_alpha   90
_cell.angle_beta   90
_cell.angle_gamma   90
#
_symmetry.space_group_name_H-M   'P 21 21 21'
#
loop_
_entity.id
_entity.type
_entity.pdbx_description
1 polymer 'ENTEROTOXIN H'
2 non-polymer 'SULFATE ION'
3 water water
#
_entity_poly.entity_id   1
_entity_poly.type   'polypeptide(L)'
_entity_poly.pdbx_seq_one_letter_code
;EDLHDKSELTDLALANAYGQYNHPFIKENIKSDEISGEKDLIFRNQGDSGNDLRVKFATADLAQKFKNKNVDIYGASFYY
KCEKISENISECLYGGTTLNSEKLAQERVIGANVWVDGIQKETELIRTNKKNVTLQELDIKIRKILSDKYKIYYKDSEIS
KGLIEFDMKTPRDYSFDIYDLKGENDYEIDKIYEDNKTLKSDDISHIDVNLYTKKKV
;
_entity_poly.pdbx_strand_id   A,B
#
loop_
_chem_comp.id
_chem_comp.type
_chem_comp.name
_chem_comp.formula
SO4 non-polymer 'SULFATE ION' 'O4 S -2'
#
# COMPACT_ATOMS: atom_id res chain seq x y z
N ASP A 2 7.68 8.96 -2.73
CA ASP A 2 8.17 9.68 -3.94
C ASP A 2 8.50 8.70 -5.06
N LEU A 3 7.61 8.61 -6.05
CA LEU A 3 7.78 7.71 -7.19
C LEU A 3 8.60 8.39 -8.28
N HIS A 4 9.48 7.64 -8.92
CA HIS A 4 10.30 8.19 -10.00
C HIS A 4 9.45 8.46 -11.23
N ASP A 5 9.89 9.44 -12.03
CA ASP A 5 9.15 9.80 -13.23
C ASP A 5 9.75 9.19 -14.49
N LYS A 6 8.89 8.74 -15.40
CA LYS A 6 9.34 8.13 -16.65
C LYS A 6 10.29 9.07 -17.41
N SER A 7 10.17 10.36 -17.18
CA SER A 7 11.03 11.33 -17.86
C SER A 7 12.48 11.20 -17.40
N GLU A 8 12.71 10.43 -16.34
CA GLU A 8 14.07 10.26 -15.84
C GLU A 8 14.86 9.22 -16.63
N LEU A 9 14.17 8.42 -17.43
CA LEU A 9 14.85 7.37 -18.19
C LEU A 9 15.30 7.78 -19.59
N THR A 10 16.41 7.21 -20.03
CA THR A 10 16.93 7.47 -21.37
C THR A 10 16.16 6.61 -22.35
N ASP A 11 16.23 6.94 -23.64
CA ASP A 11 15.53 6.16 -24.65
C ASP A 11 16.03 4.73 -24.58
N LEU A 12 17.32 4.56 -24.31
CA LEU A 12 17.91 3.23 -24.20
C LEU A 12 17.30 2.50 -23.02
N ALA A 13 17.07 3.22 -21.92
CA ALA A 13 16.48 2.62 -20.72
C ALA A 13 15.07 2.11 -21.02
N LEU A 14 14.28 2.95 -21.67
CA LEU A 14 12.92 2.59 -22.03
C LEU A 14 12.89 1.37 -22.95
N ALA A 15 13.78 1.37 -23.95
CA ALA A 15 13.83 0.25 -24.89
C ALA A 15 14.20 -1.05 -24.17
N ASN A 16 15.31 -1.03 -23.43
CA ASN A 16 15.72 -2.23 -22.70
C ASN A 16 14.59 -2.73 -21.81
N ALA A 17 13.97 -1.82 -21.07
CA ALA A 17 12.88 -2.18 -20.17
C ALA A 17 11.73 -2.84 -20.93
N TYR A 18 11.30 -2.22 -22.03
CA TYR A 18 10.21 -2.83 -22.79
C TYR A 18 10.64 -4.22 -23.21
N GLY A 19 11.82 -4.30 -23.81
CA GLY A 19 12.36 -5.56 -24.27
C GLY A 19 12.45 -6.70 -23.29
N GLN A 20 13.08 -6.47 -22.13
CA GLN A 20 13.21 -7.55 -21.16
C GLN A 20 11.90 -7.97 -20.50
N TYR A 21 10.96 -7.05 -20.34
CA TYR A 21 9.68 -7.39 -19.71
C TYR A 21 8.69 -8.03 -20.68
N ASN A 22 9.03 -8.00 -21.96
CA ASN A 22 8.19 -8.58 -22.99
C ASN A 22 8.74 -9.90 -23.52
N HIS A 23 10.03 -10.15 -23.30
CA HIS A 23 10.65 -11.39 -23.76
C HIS A 23 11.52 -12.02 -22.66
N PRO A 24 10.89 -12.56 -21.61
CA PRO A 24 11.60 -13.20 -20.50
C PRO A 24 12.24 -14.52 -20.89
N PHE A 25 13.39 -14.83 -20.31
CA PHE A 25 14.05 -16.09 -20.61
C PHE A 25 13.38 -17.16 -19.76
N ILE A 26 12.82 -18.17 -20.40
CA ILE A 26 12.13 -19.23 -19.67
C ILE A 26 12.60 -20.62 -20.06
N LYS A 27 13.13 -21.38 -19.10
CA LYS A 27 13.58 -22.74 -19.34
C LYS A 27 13.21 -23.63 -18.17
N GLU A 28 12.62 -24.77 -18.48
CA GLU A 28 12.17 -25.71 -17.48
C GLU A 28 13.03 -26.97 -17.37
N ASN A 29 13.33 -27.36 -16.14
CA ASN A 29 14.09 -28.57 -15.85
C ASN A 29 15.50 -28.69 -16.42
N ILE A 30 16.38 -27.77 -16.03
CA ILE A 30 17.76 -27.81 -16.47
C ILE A 30 18.58 -27.86 -15.20
N LYS A 31 19.81 -28.35 -15.29
CA LYS A 31 20.65 -28.46 -14.11
C LYS A 31 22.05 -27.90 -14.33
N SER A 32 22.50 -27.02 -13.44
CA SER A 32 23.85 -26.50 -13.59
C SER A 32 24.73 -27.11 -12.55
N ASP A 33 25.97 -27.38 -12.91
CA ASP A 33 26.89 -27.94 -11.93
C ASP A 33 28.28 -27.37 -12.11
N GLU A 34 28.31 -26.06 -12.26
CA GLU A 34 29.52 -25.30 -12.42
C GLU A 34 29.30 -23.94 -11.82
N ILE A 35 30.03 -23.66 -10.75
CA ILE A 35 29.93 -22.38 -10.10
C ILE A 35 31.02 -21.57 -10.76
N SER A 36 30.77 -20.28 -10.93
CA SER A 36 31.74 -19.40 -11.53
C SER A 36 31.71 -18.10 -10.74
N GLY A 37 32.89 -17.54 -10.51
CA GLY A 37 32.97 -16.29 -9.77
C GLY A 37 32.31 -16.41 -8.38
N GLU A 38 32.34 -17.62 -7.87
CA GLU A 38 31.84 -17.95 -6.52
C GLU A 38 30.37 -17.60 -6.28
N LYS A 39 29.68 -16.98 -7.20
CA LYS A 39 28.26 -16.58 -6.90
C LYS A 39 27.44 -16.73 -8.20
N ASP A 40 28.02 -17.35 -9.22
CA ASP A 40 27.29 -17.56 -10.48
C ASP A 40 27.18 -19.02 -10.85
N LEU A 41 26.06 -19.40 -11.46
CA LEU A 41 25.88 -20.78 -11.90
C LEU A 41 25.91 -20.77 -13.43
N ILE A 42 26.57 -21.77 -14.01
CA ILE A 42 26.67 -21.84 -15.46
C ILE A 42 25.87 -23.00 -16.03
N PHE A 43 25.02 -22.70 -17.00
CA PHE A 43 24.25 -23.72 -17.69
C PHE A 43 24.73 -23.65 -19.13
N ARG A 44 25.76 -24.42 -19.41
CA ARG A 44 26.37 -24.46 -20.73
C ARG A 44 25.42 -25.00 -21.80
N ASN A 45 25.34 -24.27 -22.91
CA ASN A 45 24.50 -24.65 -24.05
C ASN A 45 23.00 -24.50 -23.85
N GLN A 46 22.57 -23.71 -22.87
CA GLN A 46 21.13 -23.58 -22.69
C GLN A 46 20.56 -22.17 -22.76
N GLY A 47 21.36 -21.25 -23.29
CA GLY A 47 20.87 -19.89 -23.44
C GLY A 47 20.32 -19.82 -24.84
N ASP A 48 19.76 -18.67 -25.23
CA ASP A 48 19.22 -18.52 -26.57
C ASP A 48 20.38 -18.66 -27.54
N SER A 49 20.10 -19.06 -28.78
CA SER A 49 21.15 -19.22 -29.79
C SER A 49 22.14 -20.30 -29.38
N GLY A 50 21.76 -21.13 -28.43
CA GLY A 50 22.67 -22.17 -27.97
C GLY A 50 23.88 -21.60 -27.27
N ASN A 51 23.78 -20.36 -26.80
CA ASN A 51 24.89 -19.74 -26.09
C ASN A 51 24.92 -20.33 -24.68
N ASP A 52 25.94 -19.97 -23.91
CA ASP A 52 26.04 -20.43 -22.52
C ASP A 52 25.29 -19.44 -21.64
N LEU A 53 24.56 -19.96 -20.66
CA LEU A 53 23.79 -19.13 -19.76
C LEU A 53 24.46 -18.94 -18.40
N ARG A 54 24.61 -17.68 -17.98
CA ARG A 54 25.21 -17.38 -16.70
C ARG A 54 24.13 -16.83 -15.77
N VAL A 55 23.75 -17.62 -14.77
CA VAL A 55 22.74 -17.20 -13.81
C VAL A 55 23.48 -16.61 -12.61
N LYS A 56 23.28 -15.32 -12.38
CA LYS A 56 23.94 -14.59 -11.30
C LYS A 56 23.11 -14.39 -10.04
N PHE A 57 23.69 -14.74 -8.89
CA PHE A 57 23.01 -14.59 -7.60
C PHE A 57 23.68 -13.55 -6.70
N ALA A 58 22.96 -13.14 -5.66
CA ALA A 58 23.46 -12.15 -4.71
C ALA A 58 24.60 -12.68 -3.83
N THR A 59 24.52 -13.95 -3.44
CA THR A 59 25.55 -14.55 -2.58
C THR A 59 25.96 -15.93 -3.05
N ALA A 60 27.19 -16.32 -2.69
CA ALA A 60 27.69 -17.64 -3.05
C ALA A 60 26.76 -18.70 -2.50
N ASP A 61 26.20 -18.44 -1.33
CA ASP A 61 25.26 -19.37 -0.71
C ASP A 61 24.15 -19.72 -1.69
N LEU A 62 23.54 -18.70 -2.26
CA LEU A 62 22.44 -18.89 -3.21
C LEU A 62 22.86 -19.78 -4.36
N ALA A 63 24.00 -19.46 -4.98
CA ALA A 63 24.53 -20.24 -6.09
C ALA A 63 24.69 -21.71 -5.68
N GLN A 64 25.29 -21.92 -4.50
CA GLN A 64 25.53 -23.26 -3.96
C GLN A 64 24.24 -24.01 -3.73
N LYS A 65 23.23 -23.30 -3.25
CA LYS A 65 21.94 -23.92 -2.98
C LYS A 65 21.29 -24.57 -4.21
N PHE A 66 21.66 -24.11 -5.39
CA PHE A 66 21.09 -24.67 -6.63
C PHE A 66 21.98 -25.52 -7.58
N LYS A 67 23.19 -25.87 -7.18
CA LYS A 67 24.14 -26.65 -7.98
C LYS A 67 23.62 -28.07 -7.89
N ASN A 68 23.28 -28.72 -9.02
CA ASN A 68 22.79 -30.10 -8.94
C ASN A 68 21.30 -30.06 -9.00
N LYS A 69 20.78 -28.88 -8.85
CA LYS A 69 19.38 -28.82 -8.90
C LYS A 69 18.62 -28.67 -10.23
N ASN A 70 17.68 -29.60 -10.39
CA ASN A 70 16.83 -29.56 -11.55
C ASN A 70 16.00 -28.33 -11.18
N VAL A 71 16.34 -27.23 -11.84
CA VAL A 71 15.68 -25.97 -11.59
C VAL A 71 14.89 -25.49 -12.78
N ASP A 72 14.04 -24.51 -12.52
CA ASP A 72 13.24 -23.87 -13.56
C ASP A 72 13.84 -22.46 -13.59
N ILE A 73 13.84 -21.82 -14.75
CA ILE A 73 14.39 -20.48 -14.85
C ILE A 73 13.34 -19.56 -15.43
N TYR A 74 13.28 -18.34 -14.93
CA TYR A 74 12.32 -17.38 -15.42
C TYR A 74 12.77 -15.99 -15.01
N GLY A 75 13.41 -15.29 -15.94
CA GLY A 75 13.89 -13.96 -15.62
C GLY A 75 14.27 -13.11 -16.81
N ALA A 76 14.76 -11.89 -16.53
CA ALA A 76 15.16 -10.97 -17.57
C ALA A 76 16.58 -11.28 -17.98
N SER A 77 16.73 -11.69 -19.24
CA SER A 77 18.02 -12.05 -19.78
C SER A 77 18.66 -10.90 -20.55
N PHE A 78 19.98 -10.96 -20.73
CA PHE A 78 20.69 -9.92 -21.46
C PHE A 78 22.08 -10.38 -21.90
N TYR A 79 22.62 -9.73 -22.92
CA TYR A 79 23.95 -10.09 -23.44
C TYR A 79 24.97 -9.00 -23.15
N TYR A 80 24.57 -7.74 -23.30
CA TYR A 80 25.50 -6.65 -23.06
C TYR A 80 26.11 -6.71 -21.67
N LYS A 81 27.44 -6.77 -21.62
CA LYS A 81 28.18 -6.82 -20.37
C LYS A 81 28.05 -8.11 -19.56
N CYS A 82 27.66 -9.19 -20.23
CA CYS A 82 27.53 -10.48 -19.57
C CYS A 82 28.89 -11.14 -19.66
N GLU A 83 29.51 -11.35 -18.51
CA GLU A 83 30.84 -11.98 -18.46
C GLU A 83 30.93 -13.22 -19.33
N LYS A 84 31.73 -13.14 -20.39
CA LYS A 84 31.94 -14.24 -21.31
C LYS A 84 32.34 -15.50 -20.56
N ILE A 85 31.79 -16.66 -20.89
CA ILE A 85 32.30 -17.82 -20.22
C ILE A 85 33.04 -18.55 -21.38
N SER A 86 34.17 -17.95 -21.82
CA SER A 86 35.06 -18.49 -22.89
C SER A 86 35.21 -17.71 -24.22
N ASN A 88 33.08 -18.70 -25.19
CA ASN A 88 32.32 -17.99 -26.20
C ASN A 88 31.58 -16.79 -25.60
N ILE A 89 30.56 -16.36 -26.34
CA ILE A 89 29.71 -15.25 -25.94
C ILE A 89 28.76 -15.86 -24.92
N SER A 90 28.25 -15.04 -24.01
CA SER A 90 27.35 -15.55 -22.98
C SER A 90 26.10 -14.70 -22.74
N GLU A 91 25.05 -15.36 -22.28
CA GLU A 91 23.79 -14.68 -21.97
C GLU A 91 23.63 -14.71 -20.45
N CYS A 92 23.16 -13.60 -19.88
CA CYS A 92 23.00 -13.49 -18.42
C CYS A 92 21.58 -13.27 -17.92
N LEU A 93 21.45 -13.32 -16.60
CA LEU A 93 20.19 -13.07 -15.89
C LEU A 93 20.43 -13.31 -14.41
N TYR A 94 19.73 -12.57 -13.56
CA TYR A 94 19.88 -12.72 -12.13
C TYR A 94 18.72 -13.49 -11.53
N GLY A 95 19.04 -14.35 -10.56
CA GLY A 95 18.02 -15.14 -9.88
C GLY A 95 17.05 -15.91 -10.75
N GLY A 96 15.77 -15.63 -10.58
CA GLY A 96 14.73 -16.31 -11.34
C GLY A 96 14.86 -17.83 -11.31
N THR A 97 15.58 -18.34 -10.33
CA THR A 97 15.81 -19.78 -10.22
C THR A 97 15.04 -20.50 -9.10
N THR A 98 14.26 -21.50 -9.48
CA THR A 98 13.47 -22.31 -8.55
C THR A 98 13.65 -23.80 -8.83
N LEU A 99 13.38 -24.63 -7.82
CA LEU A 99 13.51 -26.08 -7.98
C LEU A 99 12.39 -26.59 -8.85
N ASN A 100 12.72 -27.42 -9.83
CA ASN A 100 11.74 -27.97 -10.77
C ASN A 100 10.76 -28.97 -10.18
N SER A 101 11.20 -29.70 -9.15
CA SER A 101 10.35 -30.71 -8.52
C SER A 101 9.20 -30.16 -7.69
N GLU A 102 9.15 -28.85 -7.53
CA GLU A 102 8.10 -28.25 -6.72
C GLU A 102 7.04 -27.54 -7.54
N LYS A 103 6.00 -28.29 -7.89
CA LYS A 103 4.90 -27.79 -8.70
C LYS A 103 3.58 -27.79 -7.90
N LEU A 104 2.52 -27.34 -8.54
CA LEU A 104 1.19 -27.28 -7.93
C LEU A 104 0.29 -28.19 -8.73
N ALA A 105 -0.78 -28.67 -8.11
CA ALA A 105 -1.73 -29.54 -8.80
C ALA A 105 -2.40 -28.73 -9.91
N GLN A 106 -2.83 -27.51 -9.58
CA GLN A 106 -3.48 -26.64 -10.55
C GLN A 106 -2.91 -25.23 -10.54
N GLU A 107 -2.98 -24.58 -11.70
CA GLU A 107 -2.50 -23.21 -11.90
C GLU A 107 -3.01 -22.26 -10.82
N ARG A 108 -2.09 -21.61 -10.10
CA ARG A 108 -2.49 -20.64 -9.08
C ARG A 108 -2.75 -19.33 -9.84
N VAL A 109 -3.95 -18.78 -9.70
CA VAL A 109 -4.30 -17.54 -10.39
C VAL A 109 -4.35 -16.36 -9.43
N ILE A 110 -3.53 -15.35 -9.71
CA ILE A 110 -3.45 -14.15 -8.87
C ILE A 110 -4.06 -12.93 -9.56
N GLY A 111 -4.91 -12.22 -8.83
CA GLY A 111 -5.54 -11.03 -9.38
C GLY A 111 -4.75 -9.78 -9.10
N ALA A 112 -4.84 -8.81 -10.01
CA ALA A 112 -4.15 -7.55 -9.83
C ALA A 112 -5.13 -6.40 -10.07
N ASN A 113 -5.53 -5.74 -8.99
CA ASN A 113 -6.43 -4.61 -9.10
C ASN A 113 -5.62 -3.51 -9.79
N VAL A 114 -6.24 -2.77 -10.71
CA VAL A 114 -5.53 -1.72 -11.42
C VAL A 114 -6.16 -0.35 -11.30
N TRP A 115 -5.33 0.69 -11.28
CA TRP A 115 -5.84 2.05 -11.17
C TRP A 115 -4.95 3.01 -11.96
N VAL A 116 -5.58 3.93 -12.68
CA VAL A 116 -4.85 4.95 -13.42
C VAL A 116 -5.39 6.28 -12.93
N ASP A 117 -4.52 7.08 -12.30
CA ASP A 117 -4.93 8.37 -11.77
C ASP A 117 -6.11 8.19 -10.81
N GLY A 118 -6.04 7.14 -9.99
CA GLY A 118 -7.09 6.88 -9.03
C GLY A 118 -8.36 6.24 -9.55
N ILE A 119 -8.47 6.06 -10.86
CA ILE A 119 -9.65 5.45 -11.44
C ILE A 119 -9.39 3.97 -11.66
N GLN A 120 -10.27 3.12 -11.13
CA GLN A 120 -10.06 1.69 -11.28
C GLN A 120 -10.31 1.19 -12.69
N LYS A 121 -9.41 0.33 -13.16
CA LYS A 121 -9.51 -0.25 -14.48
C LYS A 121 -9.75 -1.74 -14.33
N GLU A 122 -9.81 -2.42 -15.46
CA GLU A 122 -10.03 -3.87 -15.46
C GLU A 122 -8.99 -4.60 -14.61
N THR A 123 -9.45 -5.58 -13.84
CA THR A 123 -8.55 -6.36 -13.01
C THR A 123 -7.79 -7.29 -13.95
N GLU A 124 -6.49 -7.44 -13.71
CA GLU A 124 -5.67 -8.30 -14.55
C GLU A 124 -5.39 -9.60 -13.82
N LEU A 125 -4.94 -10.61 -14.56
CA LEU A 125 -4.65 -11.91 -13.95
C LEU A 125 -3.34 -12.51 -14.43
N ILE A 126 -2.59 -13.08 -13.48
CA ILE A 126 -1.34 -13.77 -13.82
C ILE A 126 -1.39 -15.11 -13.10
N ARG A 127 -0.63 -16.10 -13.59
CA ARG A 127 -0.65 -17.43 -12.98
C ARG A 127 0.72 -18.09 -12.94
N THR A 128 0.76 -19.27 -12.36
CA THR A 128 1.98 -20.06 -12.26
C THR A 128 1.66 -21.41 -11.64
N ASN A 129 2.21 -22.50 -12.18
CA ASN A 129 1.96 -23.78 -11.54
C ASN A 129 3.16 -24.12 -10.66
N LYS A 130 4.00 -23.13 -10.42
CA LYS A 130 5.15 -23.32 -9.54
C LYS A 130 4.64 -23.23 -8.12
N LYS A 131 5.16 -24.07 -7.23
CA LYS A 131 4.76 -24.04 -5.83
C LYS A 131 5.41 -22.80 -5.24
N ASN A 132 6.65 -22.57 -5.64
CA ASN A 132 7.42 -21.41 -5.20
C ASN A 132 7.92 -20.66 -6.43
N VAL A 133 7.28 -19.53 -6.70
CA VAL A 133 7.64 -18.70 -7.85
C VAL A 133 8.46 -17.52 -7.36
N THR A 134 9.44 -17.09 -8.16
CA THR A 134 10.27 -15.94 -7.80
C THR A 134 9.44 -14.67 -8.02
N LEU A 135 9.78 -13.62 -7.28
CA LEU A 135 9.07 -12.35 -7.41
C LEU A 135 9.39 -11.78 -8.79
N GLN A 136 10.60 -12.02 -9.27
CA GLN A 136 11.01 -11.53 -10.59
C GLN A 136 9.98 -12.00 -11.65
N GLU A 137 9.62 -13.28 -11.62
CA GLU A 137 8.65 -13.81 -12.57
C GLU A 137 7.31 -13.07 -12.47
N LEU A 138 6.79 -12.96 -11.26
CA LEU A 138 5.51 -12.28 -11.07
C LEU A 138 5.62 -10.84 -11.58
N ASP A 139 6.70 -10.17 -11.22
CA ASP A 139 6.94 -8.79 -11.61
C ASP A 139 6.93 -8.69 -13.14
N ILE A 140 7.60 -9.64 -13.79
CA ILE A 140 7.66 -9.63 -15.24
C ILE A 140 6.29 -9.83 -15.90
N LYS A 141 5.50 -10.76 -15.38
CA LYS A 141 4.19 -11.02 -15.94
C LYS A 141 3.26 -9.82 -15.78
N ILE A 142 3.45 -9.05 -14.72
CA ILE A 142 2.62 -7.88 -14.51
C ILE A 142 3.06 -6.75 -15.44
N ARG A 143 4.37 -6.52 -15.53
CA ARG A 143 4.87 -5.44 -16.38
C ARG A 143 4.62 -5.70 -17.85
N LYS A 144 4.55 -6.96 -18.25
CA LYS A 144 4.29 -7.21 -19.64
C LYS A 144 2.89 -6.69 -19.93
N ILE A 145 1.97 -6.94 -19.01
CA ILE A 145 0.60 -6.47 -19.18
C ILE A 145 0.57 -4.94 -19.14
N LEU A 146 1.23 -4.35 -18.15
CA LEU A 146 1.27 -2.89 -18.03
C LEU A 146 1.97 -2.31 -19.25
N SER A 147 2.86 -3.09 -19.84
CA SER A 147 3.62 -2.66 -21.00
C SER A 147 2.79 -2.66 -22.28
N ASP A 148 1.91 -3.64 -22.42
CA ASP A 148 1.11 -3.75 -23.63
C ASP A 148 -0.26 -3.04 -23.58
N LYS A 149 -0.89 -3.04 -22.40
CA LYS A 149 -2.19 -2.38 -22.24
C LYS A 149 -2.02 -0.89 -21.96
N TYR A 150 -1.02 -0.54 -21.14
CA TYR A 150 -0.80 0.87 -20.80
C TYR A 150 0.44 1.52 -21.38
N LYS A 151 1.24 0.73 -22.10
CA LYS A 151 2.43 1.22 -22.76
C LYS A 151 3.30 2.02 -21.81
N ILE A 152 3.52 1.45 -20.63
CA ILE A 152 4.31 2.12 -19.61
C ILE A 152 5.73 2.45 -20.04
N TYR A 153 6.30 1.64 -20.93
CA TYR A 153 7.65 1.88 -21.40
C TYR A 153 7.80 2.59 -22.74
N TYR A 154 6.71 3.22 -23.21
CA TYR A 154 6.76 4.01 -24.44
C TYR A 154 6.80 5.45 -23.97
N LYS A 155 7.85 6.17 -24.36
CA LYS A 155 8.05 7.56 -23.98
C LYS A 155 6.83 8.45 -24.26
N ASP A 156 6.16 8.22 -25.38
CA ASP A 156 5.01 9.03 -25.75
C ASP A 156 3.70 8.64 -25.07
N SER A 157 3.73 7.66 -24.17
CA SER A 157 2.48 7.28 -23.51
C SER A 157 2.18 8.27 -22.40
N GLU A 158 0.94 8.30 -21.96
CA GLU A 158 0.54 9.24 -20.91
C GLU A 158 0.99 8.86 -19.50
N ILE A 159 1.29 7.58 -19.28
CA ILE A 159 1.73 7.13 -17.95
C ILE A 159 3.14 7.65 -17.63
N SER A 160 3.30 8.34 -16.50
CA SER A 160 4.60 8.89 -16.10
C SER A 160 5.10 8.37 -14.75
N LYS A 161 4.22 7.72 -14.00
CA LYS A 161 4.57 7.14 -12.70
C LYS A 161 3.75 5.88 -12.45
N GLY A 162 4.29 4.99 -11.62
CA GLY A 162 3.57 3.76 -11.33
C GLY A 162 4.23 2.93 -10.26
N LEU A 163 3.39 2.23 -9.52
CA LEU A 163 3.84 1.37 -8.44
C LEU A 163 3.16 0.02 -8.52
N ILE A 164 3.95 -1.04 -8.41
CA ILE A 164 3.43 -2.39 -8.43
C ILE A 164 3.62 -2.92 -7.01
N GLU A 165 2.55 -3.46 -6.44
CA GLU A 165 2.63 -3.99 -5.09
C GLU A 165 2.06 -5.41 -4.97
N PHE A 166 2.87 -6.31 -4.43
CA PHE A 166 2.47 -7.72 -4.25
C PHE A 166 2.17 -7.96 -2.79
N ASP A 167 0.92 -8.36 -2.49
CA ASP A 167 0.52 -8.61 -1.12
C ASP A 167 0.38 -10.09 -0.80
N MET A 168 0.94 -10.48 0.35
CA MET A 168 0.87 -11.86 0.81
C MET A 168 -0.40 -12.03 1.62
N LYS A 169 -0.68 -13.26 2.03
CA LYS A 169 -1.87 -13.52 2.84
C LYS A 169 -1.57 -13.11 4.29
N THR A 170 -0.30 -12.81 4.54
CA THR A 170 0.13 -12.34 5.85
C THR A 170 0.51 -10.86 5.64
N PRO A 171 0.65 -10.09 6.73
CA PRO A 171 1.02 -8.68 6.60
C PRO A 171 2.45 -8.52 6.09
N ARG A 172 2.64 -8.85 4.81
CA ARG A 172 3.93 -8.78 4.14
C ARG A 172 3.65 -8.45 2.68
N ASP A 173 4.30 -7.40 2.19
CA ASP A 173 4.12 -6.99 0.81
C ASP A 173 5.48 -6.64 0.20
N TYR A 174 5.52 -6.63 -1.13
CA TYR A 174 6.72 -6.30 -1.87
C TYR A 174 6.27 -5.38 -2.97
N SER A 175 7.07 -4.36 -3.30
CA SER A 175 6.67 -3.43 -4.34
C SER A 175 7.82 -2.97 -5.22
N PHE A 176 7.49 -2.49 -6.42
CA PHE A 176 8.48 -1.99 -7.37
C PHE A 176 8.03 -0.65 -7.96
N ASP A 177 8.97 0.26 -8.11
CA ASP A 177 8.70 1.56 -8.73
C ASP A 177 9.09 1.27 -10.17
N ILE A 178 8.10 1.19 -11.05
CA ILE A 178 8.34 0.85 -12.46
C ILE A 178 9.30 1.75 -13.23
N TYR A 179 9.61 2.93 -12.70
CA TYR A 179 10.53 3.80 -13.40
C TYR A 179 11.84 4.00 -12.66
N ASP A 180 12.00 3.27 -11.57
CA ASP A 180 13.21 3.37 -10.75
C ASP A 180 14.22 2.29 -11.13
N LEU A 181 14.84 2.45 -12.31
CA LEU A 181 15.82 1.48 -12.79
C LEU A 181 17.23 1.84 -12.29
N LYS A 182 17.98 0.85 -11.84
CA LYS A 182 19.34 1.08 -11.36
C LYS A 182 20.16 1.85 -12.39
N GLY A 183 19.88 1.60 -13.66
CA GLY A 183 20.61 2.28 -14.73
C GLY A 183 19.87 2.12 -16.05
N GLU A 184 20.58 2.25 -17.16
CA GLU A 184 19.95 2.12 -18.46
C GLU A 184 20.24 0.81 -19.18
N ASN A 185 21.18 0.04 -18.66
CA ASN A 185 21.54 -1.25 -19.25
C ASN A 185 21.11 -2.38 -18.31
N ASP A 186 20.59 -3.46 -18.90
CA ASP A 186 20.08 -4.59 -18.15
C ASP A 186 20.95 -5.13 -17.03
N TYR A 187 22.27 -5.14 -17.22
CA TYR A 187 23.12 -5.68 -16.18
C TYR A 187 23.02 -4.90 -14.87
N GLU A 188 22.53 -3.66 -14.92
CA GLU A 188 22.37 -2.85 -13.72
C GLU A 188 20.90 -2.93 -13.28
N ILE A 189 20.02 -2.71 -14.25
CA ILE A 189 18.59 -2.75 -14.01
C ILE A 189 18.18 -4.04 -13.29
N ASP A 190 18.63 -5.18 -13.82
CA ASP A 190 18.26 -6.48 -13.27
C ASP A 190 18.89 -6.93 -11.95
N LYS A 191 19.83 -6.15 -11.41
CA LYS A 191 20.42 -6.54 -10.13
C LYS A 191 19.34 -6.58 -9.05
N ILE A 192 18.21 -5.92 -9.28
CA ILE A 192 17.14 -5.91 -8.30
C ILE A 192 16.60 -7.32 -8.04
N TYR A 193 16.96 -8.27 -8.90
CA TYR A 193 16.49 -9.63 -8.73
C TYR A 193 17.56 -10.61 -8.24
N GLU A 194 18.79 -10.15 -8.05
CA GLU A 194 19.84 -11.08 -7.63
C GLU A 194 19.58 -11.82 -6.31
N ASP A 195 18.75 -11.27 -5.45
CA ASP A 195 18.47 -11.93 -4.18
C ASP A 195 17.67 -13.21 -4.40
N ASN A 196 17.18 -13.39 -5.62
CA ASN A 196 16.39 -14.57 -5.99
C ASN A 196 15.17 -14.72 -5.08
N LYS A 197 14.64 -13.60 -4.61
CA LYS A 197 13.48 -13.64 -3.73
C LYS A 197 12.40 -14.55 -4.31
N THR A 198 11.97 -15.53 -3.53
CA THR A 198 10.96 -16.47 -4.00
C THR A 198 9.81 -16.48 -3.01
N LEU A 199 8.60 -16.74 -3.50
CA LEU A 199 7.42 -16.73 -2.65
C LEU A 199 6.58 -17.98 -2.82
N LYS A 200 6.03 -18.50 -1.73
CA LYS A 200 5.18 -19.68 -1.83
C LYS A 200 3.93 -19.19 -2.55
N SER A 201 3.72 -19.68 -3.77
CA SER A 201 2.59 -19.27 -4.58
C SER A 201 1.22 -19.19 -3.89
N ASP A 202 0.87 -20.22 -3.13
CA ASP A 202 -0.42 -20.23 -2.46
C ASP A 202 -0.52 -19.27 -1.29
N ASP A 203 0.59 -18.63 -0.94
CA ASP A 203 0.56 -17.68 0.15
C ASP A 203 0.37 -16.25 -0.36
N ILE A 204 0.35 -16.08 -1.67
CA ILE A 204 0.16 -14.75 -2.23
C ILE A 204 -1.32 -14.42 -2.24
N SER A 205 -1.65 -13.20 -1.85
CA SER A 205 -3.03 -12.77 -1.83
C SER A 205 -3.47 -12.11 -3.13
N HIS A 206 -2.90 -10.94 -3.41
CA HIS A 206 -3.24 -10.19 -4.60
C HIS A 206 -2.17 -9.17 -4.96
N ILE A 207 -2.39 -8.49 -6.08
CA ILE A 207 -1.45 -7.48 -6.57
C ILE A 207 -2.19 -6.16 -6.79
N ASP A 208 -1.55 -5.06 -6.39
CA ASP A 208 -2.12 -3.71 -6.57
C ASP A 208 -1.25 -2.94 -7.55
N VAL A 209 -1.88 -2.33 -8.54
CA VAL A 209 -1.16 -1.54 -9.53
C VAL A 209 -1.75 -0.13 -9.63
N ASN A 210 -0.93 0.86 -9.32
CA ASN A 210 -1.35 2.26 -9.37
C ASN A 210 -0.46 3.04 -10.35
N LEU A 211 -1.08 3.55 -11.42
CA LEU A 211 -0.34 4.31 -12.43
C LEU A 211 -0.82 5.75 -12.47
N TYR A 212 0.03 6.66 -12.91
CA TYR A 212 -0.34 8.06 -12.96
C TYR A 212 0.12 8.79 -14.22
N THR A 213 -0.60 9.87 -14.55
CA THR A 213 -0.29 10.70 -15.69
C THR A 213 -0.10 12.15 -15.23
N LYS A 214 -0.36 13.09 -16.14
CA LYS A 214 -0.24 14.56 -15.94
C LYS A 214 0.94 15.05 -16.75
N ASP B 2 5.25 -3.52 9.75
CA ASP B 2 4.86 -4.42 10.87
C ASP B 2 3.69 -3.86 11.67
N LEU B 3 2.55 -4.54 11.54
CA LEU B 3 1.32 -4.14 12.20
C LEU B 3 1.30 -4.59 13.65
N HIS B 4 0.82 -3.71 14.52
CA HIS B 4 0.73 -4.04 15.93
C HIS B 4 -0.37 -5.08 16.09
N ASP B 5 -0.27 -5.87 17.15
CA ASP B 5 -1.26 -6.90 17.40
C ASP B 5 -2.27 -6.46 18.45
N LYS B 6 -3.53 -6.86 18.26
CA LYS B 6 -4.61 -6.52 19.18
C LYS B 6 -4.31 -6.95 20.62
N SER B 7 -3.50 -7.98 20.78
CA SER B 7 -3.15 -8.48 22.11
C SER B 7 -2.34 -7.46 22.92
N GLU B 8 -1.82 -6.45 22.26
CA GLU B 8 -1.02 -5.40 22.91
C GLU B 8 -1.90 -4.36 23.65
N LEU B 9 -3.19 -4.35 23.34
CA LEU B 9 -4.12 -3.39 23.94
C LEU B 9 -4.87 -3.94 25.15
N THR B 10 -5.00 -3.11 26.16
CA THR B 10 -5.71 -3.51 27.37
C THR B 10 -7.20 -3.50 27.05
N ASP B 11 -8.03 -3.98 27.96
CA ASP B 11 -9.46 -3.98 27.70
C ASP B 11 -9.96 -2.55 27.63
N LEU B 12 -9.36 -1.69 28.45
CA LEU B 12 -9.75 -0.29 28.48
C LEU B 12 -9.49 0.31 27.11
N ALA B 13 -8.30 0.04 26.57
CA ALA B 13 -7.93 0.54 25.26
C ALA B 13 -8.95 0.12 24.22
N LEU B 14 -9.34 -1.15 24.27
CA LEU B 14 -10.33 -1.67 23.34
C LEU B 14 -11.67 -0.99 23.53
N ALA B 15 -12.09 -0.86 24.78
CA ALA B 15 -13.36 -0.22 25.10
C ALA B 15 -13.39 1.21 24.61
N ASN B 16 -12.30 1.94 24.84
CA ASN B 16 -12.26 3.32 24.41
C ASN B 16 -12.31 3.45 22.89
N ALA B 17 -11.59 2.57 22.22
CA ALA B 17 -11.54 2.58 20.76
C ALA B 17 -12.92 2.21 20.19
N TYR B 18 -13.52 1.15 20.73
CA TYR B 18 -14.82 0.74 20.27
C TYR B 18 -15.75 1.93 20.43
N GLY B 19 -15.71 2.51 21.63
CA GLY B 19 -16.54 3.64 21.97
C GLY B 19 -16.48 4.82 21.03
N GLN B 20 -15.29 5.31 20.75
CA GLN B 20 -15.20 6.47 19.88
C GLN B 20 -15.40 6.24 18.38
N TYR B 21 -15.18 5.01 17.90
CA TYR B 21 -15.39 4.76 16.48
C TYR B 21 -16.84 4.35 16.21
N ASN B 22 -17.63 4.24 17.27
CA ASN B 22 -19.03 3.87 17.18
C ASN B 22 -19.92 5.07 17.54
N HIS B 23 -19.34 6.05 18.24
CA HIS B 23 -20.11 7.22 18.64
C HIS B 23 -19.36 8.52 18.35
N PRO B 24 -19.16 8.83 17.05
CA PRO B 24 -18.46 10.04 16.65
C PRO B 24 -19.20 11.32 17.03
N PHE B 25 -18.45 12.37 17.36
CA PHE B 25 -19.07 13.64 17.67
C PHE B 25 -19.30 14.35 16.33
N ILE B 26 -20.56 14.64 16.00
CA ILE B 26 -20.88 15.29 14.74
C ILE B 26 -21.72 16.56 14.92
N LYS B 27 -21.25 17.67 14.37
CA LYS B 27 -21.95 18.95 14.47
C LYS B 27 -21.81 19.69 13.15
N GLU B 28 -22.89 20.32 12.73
CA GLU B 28 -22.92 21.05 11.46
C GLU B 28 -23.24 22.53 11.65
N ASN B 29 -22.49 23.38 10.99
CA ASN B 29 -22.68 24.82 11.03
C ASN B 29 -22.70 25.48 12.41
N ILE B 30 -21.56 25.46 13.09
CA ILE B 30 -21.44 26.11 14.39
C ILE B 30 -20.23 27.02 14.27
N LYS B 31 -20.13 28.01 15.15
CA LYS B 31 -19.02 28.93 15.08
C LYS B 31 -18.43 29.28 16.43
N SER B 32 -17.12 29.49 16.45
CA SER B 32 -16.42 29.87 17.67
C SER B 32 -15.44 30.99 17.37
N ASP B 33 -15.52 32.05 18.16
CA ASP B 33 -14.62 33.19 18.02
C ASP B 33 -13.89 33.30 19.35
N GLU B 34 -13.61 32.14 19.93
CA GLU B 34 -12.93 32.05 21.22
C GLU B 34 -11.76 31.08 21.19
N ILE B 35 -10.56 31.62 21.07
CA ILE B 35 -9.35 30.81 21.08
C ILE B 35 -8.96 30.69 22.54
N SER B 36 -8.50 29.51 22.94
CA SER B 36 -8.08 29.33 24.32
C SER B 36 -6.77 28.55 24.31
N GLY B 37 -5.77 29.13 24.93
CA GLY B 37 -4.45 28.48 25.02
C GLY B 37 -3.78 28.40 23.64
N GLU B 38 -3.98 29.46 22.88
CA GLU B 38 -3.34 29.64 21.56
C GLU B 38 -3.67 28.57 20.49
N LYS B 39 -4.30 27.46 20.81
CA LYS B 39 -4.47 26.45 19.75
C LYS B 39 -5.74 25.67 19.90
N ASP B 40 -6.55 26.11 20.82
CA ASP B 40 -7.84 25.47 21.05
C ASP B 40 -8.99 26.42 20.75
N LEU B 41 -10.06 25.90 20.16
CA LEU B 41 -11.24 26.72 19.90
C LEU B 41 -12.28 26.25 20.88
N ILE B 42 -13.01 27.20 21.46
CA ILE B 42 -14.02 26.86 22.46
C ILE B 42 -15.43 27.10 21.93
N PHE B 43 -16.29 26.09 22.00
CA PHE B 43 -17.67 26.27 21.56
C PHE B 43 -18.51 26.09 22.81
N ARG B 44 -18.90 27.21 23.43
CA ARG B 44 -19.67 27.14 24.67
C ARG B 44 -21.05 26.51 24.52
N ASN B 45 -21.37 25.61 25.45
CA ASN B 45 -22.67 24.93 25.47
C ASN B 45 -23.00 24.15 24.21
N GLN B 46 -22.01 23.87 23.38
CA GLN B 46 -22.31 23.15 22.16
C GLN B 46 -21.77 21.73 22.07
N GLY B 47 -21.50 21.15 23.23
CA GLY B 47 -21.03 19.77 23.29
C GLY B 47 -22.24 18.97 23.71
N ASP B 48 -22.11 17.65 23.76
CA ASP B 48 -23.25 16.80 24.15
C ASP B 48 -23.83 17.22 25.50
N SER B 49 -25.16 17.20 25.60
CA SER B 49 -25.83 17.58 26.85
C SER B 49 -25.46 18.98 27.35
N GLY B 50 -25.43 19.94 26.44
CA GLY B 50 -25.11 21.31 26.80
C GLY B 50 -23.74 21.55 27.39
N ASN B 51 -22.86 20.54 27.34
CA ASN B 51 -21.52 20.71 27.87
C ASN B 51 -20.72 21.60 26.91
N ASP B 52 -19.59 22.13 27.37
CA ASP B 52 -18.78 22.97 26.50
C ASP B 52 -17.91 22.08 25.63
N LEU B 53 -17.61 22.55 24.43
CA LEU B 53 -16.76 21.80 23.52
C LEU B 53 -15.42 22.52 23.32
N ARG B 54 -14.35 21.75 23.37
CA ARG B 54 -13.02 22.28 23.15
C ARG B 54 -12.46 21.50 21.98
N VAL B 55 -12.12 22.20 20.91
CA VAL B 55 -11.54 21.55 19.75
C VAL B 55 -10.06 21.92 19.80
N LYS B 56 -9.22 20.89 19.79
CA LYS B 56 -7.78 21.07 19.88
C LYS B 56 -7.05 20.89 18.56
N PHE B 57 -6.21 21.85 18.20
CA PHE B 57 -5.45 21.77 16.97
C PHE B 57 -3.97 21.63 17.28
N ALA B 58 -3.22 21.16 16.29
CA ALA B 58 -1.79 20.96 16.44
C ALA B 58 -1.06 22.29 16.58
N THR B 59 -1.57 23.32 15.91
CA THR B 59 -0.93 24.63 15.93
C THR B 59 -1.89 25.81 16.07
N ALA B 60 -1.37 26.95 16.51
CA ALA B 60 -2.19 28.15 16.66
C ALA B 60 -2.72 28.58 15.30
N ASP B 61 -1.94 28.34 14.25
CA ASP B 61 -2.34 28.70 12.90
C ASP B 61 -3.63 28.01 12.47
N LEU B 62 -3.76 26.74 12.85
CA LEU B 62 -4.96 25.97 12.52
C LEU B 62 -6.14 26.53 13.30
N ALA B 63 -5.94 26.75 14.60
CA ALA B 63 -7.00 27.28 15.45
C ALA B 63 -7.46 28.63 14.94
N GLN B 64 -6.49 29.47 14.55
CA GLN B 64 -6.78 30.81 14.04
C GLN B 64 -7.51 30.76 12.70
N LYS B 65 -7.16 29.77 11.88
CA LYS B 65 -7.77 29.63 10.58
C LYS B 65 -9.28 29.39 10.69
N PHE B 66 -9.72 28.76 11.78
CA PHE B 66 -11.16 28.48 11.92
C PHE B 66 -11.84 29.40 12.92
N LYS B 67 -11.07 30.32 13.51
CA LYS B 67 -11.63 31.27 14.46
C LYS B 67 -12.68 32.13 13.79
N ASN B 68 -13.88 32.16 14.36
CA ASN B 68 -14.96 32.97 13.83
C ASN B 68 -15.52 32.51 12.48
N LYS B 69 -15.27 31.26 12.13
CA LYS B 69 -15.76 30.71 10.88
C LYS B 69 -16.89 29.73 11.16
N ASN B 70 -17.78 29.55 10.18
CA ASN B 70 -18.87 28.60 10.33
C ASN B 70 -18.27 27.25 9.99
N VAL B 71 -18.25 26.33 10.94
CA VAL B 71 -17.62 25.03 10.69
C VAL B 71 -18.47 23.81 10.95
N ASP B 72 -18.00 22.67 10.45
CA ASP B 72 -18.66 21.39 10.69
C ASP B 72 -17.65 20.57 11.48
N ILE B 73 -18.12 19.82 12.45
CA ILE B 73 -17.23 19.01 13.25
C ILE B 73 -17.56 17.55 13.02
N TYR B 74 -16.53 16.72 12.93
CA TYR B 74 -16.73 15.28 12.76
C TYR B 74 -15.50 14.59 13.28
N GLY B 75 -15.56 14.10 14.52
CA GLY B 75 -14.40 13.43 15.07
C GLY B 75 -14.69 12.66 16.34
N ALA B 76 -13.65 12.11 16.95
CA ALA B 76 -13.79 11.34 18.18
C ALA B 76 -13.68 12.28 19.37
N SER B 77 -14.66 12.22 20.27
CA SER B 77 -14.67 13.11 21.43
C SER B 77 -14.33 12.39 22.74
N PHE B 78 -13.97 13.15 23.77
CA PHE B 78 -13.66 12.54 25.06
C PHE B 78 -13.83 13.54 26.19
N TYR B 79 -13.88 13.02 27.41
CA TYR B 79 -14.03 13.88 28.58
C TYR B 79 -12.81 13.77 29.48
N TYR B 80 -12.33 12.54 29.67
CA TYR B 80 -11.18 12.34 30.53
C TYR B 80 -9.95 13.09 30.03
N LYS B 81 -9.39 13.90 30.92
CA LYS B 81 -8.21 14.71 30.62
C LYS B 81 -8.51 15.85 29.68
N CYS B 82 -9.79 16.01 29.33
CA CYS B 82 -10.20 17.16 28.54
C CYS B 82 -10.34 18.03 29.73
N GLU B 83 -9.35 18.88 29.97
CA GLU B 83 -9.52 19.64 31.18
C GLU B 83 -10.20 20.96 31.15
N LYS B 84 -10.93 21.10 32.24
CA LYS B 84 -11.73 22.23 32.62
C LYS B 84 -11.74 23.34 31.59
N ILE B 85 -12.90 23.57 31.01
CA ILE B 85 -13.06 24.68 30.10
C ILE B 85 -13.70 25.72 31.01
N SER B 86 -14.69 25.26 31.75
CA SER B 86 -15.43 26.11 32.67
C SER B 86 -16.16 25.04 33.45
N GLU B 87 -16.99 25.31 34.47
CA GLU B 87 -17.54 24.10 35.01
C GLU B 87 -18.96 23.61 35.07
N ASN B 88 -19.04 22.74 34.10
CA ASN B 88 -20.08 21.89 33.65
C ASN B 88 -18.97 21.17 32.87
N ILE B 89 -19.02 19.86 32.88
CA ILE B 89 -18.08 18.92 32.25
C ILE B 89 -16.83 19.14 31.33
N SER B 90 -16.96 19.86 30.20
CA SER B 90 -15.83 20.04 29.26
C SER B 90 -15.57 18.78 28.42
N GLU B 91 -15.92 18.86 27.13
CA GLU B 91 -15.74 17.74 26.20
C GLU B 91 -14.73 18.16 25.14
N CYS B 92 -13.84 17.25 24.73
CA CYS B 92 -12.82 17.58 23.74
C CYS B 92 -12.79 16.68 22.52
N LEU B 93 -12.00 17.10 21.53
CA LEU B 93 -11.77 16.37 20.30
C LEU B 93 -10.68 17.09 19.53
N TYR B 94 -9.89 16.33 18.77
CA TYR B 94 -8.83 16.94 18.00
C TYR B 94 -9.24 17.09 16.55
N GLY B 95 -8.87 18.23 15.97
CA GLY B 95 -9.17 18.47 14.56
C GLY B 95 -10.61 18.24 14.17
N GLY B 96 -10.81 17.39 13.17
CA GLY B 96 -12.14 17.08 12.69
C GLY B 96 -12.93 18.31 12.27
N THR B 97 -12.21 19.38 11.90
CA THR B 97 -12.86 20.63 11.54
C THR B 97 -12.72 21.09 10.09
N THR B 98 -13.86 21.45 9.50
CA THR B 98 -13.90 21.92 8.12
C THR B 98 -14.86 23.12 8.01
N LEU B 99 -14.77 23.84 6.89
CA LEU B 99 -15.64 25.00 6.68
C LEU B 99 -17.01 24.53 6.25
N ASN B 100 -18.03 25.03 6.91
CA ASN B 100 -19.40 24.64 6.63
C ASN B 100 -19.92 25.03 5.25
N SER B 101 -19.32 26.03 4.63
CA SER B 101 -19.75 26.49 3.32
C SER B 101 -19.21 25.67 2.15
N GLU B 102 -18.26 24.76 2.41
CA GLU B 102 -17.69 23.97 1.32
C GLU B 102 -18.34 22.59 1.17
N LYS B 103 -19.37 22.55 0.33
CA LYS B 103 -20.14 21.34 0.10
C LYS B 103 -20.24 20.93 -1.37
N LEU B 104 -20.65 19.69 -1.59
CA LEU B 104 -20.83 19.16 -2.93
C LEU B 104 -22.33 19.05 -3.11
N ALA B 105 -22.79 19.16 -4.35
CA ALA B 105 -24.23 19.05 -4.60
C ALA B 105 -24.67 17.61 -4.34
N GLN B 106 -23.87 16.65 -4.81
CA GLN B 106 -24.17 15.25 -4.62
C GLN B 106 -23.16 14.57 -3.71
N GLU B 107 -23.61 13.52 -3.05
CA GLU B 107 -22.78 12.76 -2.14
C GLU B 107 -21.56 12.17 -2.87
N ARG B 108 -20.37 12.27 -2.27
CA ARG B 108 -19.16 11.68 -2.88
C ARG B 108 -19.01 10.28 -2.28
N VAL B 109 -19.08 9.26 -3.14
CA VAL B 109 -18.97 7.87 -2.71
C VAL B 109 -17.56 7.33 -2.88
N ILE B 110 -17.03 6.71 -1.82
CA ILE B 110 -15.69 6.14 -1.87
C ILE B 110 -15.73 4.65 -1.53
N GLY B 111 -15.11 3.83 -2.38
CA GLY B 111 -15.09 2.40 -2.14
C GLY B 111 -13.85 1.93 -1.39
N ALA B 112 -14.04 0.90 -0.57
CA ALA B 112 -12.95 0.35 0.19
C ALA B 112 -12.97 -1.14 -0.06
N ASN B 113 -11.87 -1.66 -0.62
CA ASN B 113 -11.78 -3.08 -0.88
C ASN B 113 -11.20 -3.70 0.39
N VAL B 114 -11.81 -4.79 0.83
CA VAL B 114 -11.41 -5.49 2.05
C VAL B 114 -10.90 -6.92 1.84
N TRP B 115 -9.94 -7.29 2.68
CA TRP B 115 -9.35 -8.61 2.63
C TRP B 115 -9.08 -9.07 4.06
N VAL B 116 -9.44 -10.31 4.34
CA VAL B 116 -9.20 -10.91 5.63
C VAL B 116 -8.30 -12.09 5.30
N ASP B 117 -7.08 -12.07 5.82
CA ASP B 117 -6.08 -13.10 5.55
C ASP B 117 -5.85 -13.30 4.07
N GLY B 118 -5.78 -12.20 3.33
CA GLY B 118 -5.53 -12.27 1.90
C GLY B 118 -6.72 -12.64 1.06
N ILE B 119 -7.85 -12.95 1.70
CA ILE B 119 -9.07 -13.32 0.98
C ILE B 119 -9.95 -12.09 0.86
N GLN B 120 -10.35 -11.75 -0.35
CA GLN B 120 -11.18 -10.57 -0.55
C GLN B 120 -12.63 -10.74 -0.13
N LYS B 121 -13.13 -9.74 0.58
CA LYS B 121 -14.51 -9.75 1.06
C LYS B 121 -15.28 -8.66 0.34
N GLU B 122 -16.55 -8.49 0.71
CA GLU B 122 -17.40 -7.47 0.09
C GLU B 122 -16.76 -6.08 0.15
N THR B 123 -16.85 -5.34 -0.94
CA THR B 123 -16.31 -3.98 -0.97
C THR B 123 -17.28 -3.11 -0.19
N GLU B 124 -16.75 -2.24 0.65
CA GLU B 124 -17.58 -1.35 1.46
C GLU B 124 -17.59 0.06 0.89
N LEU B 125 -18.59 0.85 1.27
CA LEU B 125 -18.68 2.22 0.78
C LEU B 125 -18.85 3.25 1.88
N ILE B 126 -18.20 4.39 1.73
CA ILE B 126 -18.34 5.49 2.67
C ILE B 126 -18.54 6.75 1.84
N ARG B 127 -19.08 7.79 2.45
CA ARG B 127 -19.37 9.00 1.70
C ARG B 127 -19.33 10.27 2.52
N THR B 128 -19.42 11.40 1.80
CA THR B 128 -19.42 12.71 2.42
C THR B 128 -19.93 13.71 1.39
N ASN B 129 -20.62 14.74 1.87
CA ASN B 129 -21.10 15.78 0.97
C ASN B 129 -20.20 17.01 1.15
N LYS B 130 -19.06 16.81 1.81
CA LYS B 130 -18.09 17.88 2.05
C LYS B 130 -17.10 17.92 0.89
N LYS B 131 -16.76 19.12 0.45
CA LYS B 131 -15.81 19.29 -0.63
C LYS B 131 -14.45 18.86 -0.07
N ASN B 132 -14.20 19.22 1.19
CA ASN B 132 -12.98 18.87 1.89
C ASN B 132 -13.39 18.19 3.18
N VAL B 133 -12.95 16.95 3.34
CA VAL B 133 -13.30 16.13 4.50
C VAL B 133 -12.02 15.77 5.26
N THR B 134 -12.10 15.72 6.60
CA THR B 134 -10.92 15.38 7.37
C THR B 134 -10.68 13.89 7.27
N LEU B 135 -9.41 13.51 7.36
CA LEU B 135 -9.02 12.10 7.30
C LEU B 135 -9.62 11.45 8.54
N GLN B 136 -9.75 12.21 9.62
CA GLN B 136 -10.32 11.65 10.83
C GLN B 136 -11.70 11.07 10.55
N GLU B 137 -12.56 11.89 9.94
CA GLU B 137 -13.91 11.45 9.61
C GLU B 137 -13.94 10.15 8.81
N LEU B 138 -13.18 10.13 7.73
CA LEU B 138 -13.12 8.94 6.87
C LEU B 138 -12.65 7.73 7.66
N ASP B 139 -11.60 7.92 8.45
CA ASP B 139 -11.06 6.85 9.26
C ASP B 139 -12.13 6.27 10.17
N ILE B 140 -12.90 7.16 10.79
CA ILE B 140 -13.97 6.75 11.68
C ILE B 140 -15.03 5.97 10.92
N LYS B 141 -15.49 6.50 9.79
CA LYS B 141 -16.51 5.80 9.03
C LYS B 141 -16.07 4.41 8.58
N ILE B 142 -14.77 4.22 8.37
CA ILE B 142 -14.27 2.91 7.97
C ILE B 142 -14.20 1.98 9.19
N ARG B 143 -13.69 2.47 10.30
CA ARG B 143 -13.57 1.62 11.48
C ARG B 143 -14.94 1.22 12.01
N LYS B 144 -15.91 2.12 11.87
CA LYS B 144 -17.27 1.87 12.29
C LYS B 144 -17.76 0.62 11.55
N ILE B 145 -17.54 0.58 10.25
CA ILE B 145 -17.93 -0.56 9.44
C ILE B 145 -17.11 -1.78 9.84
N LEU B 146 -15.80 -1.60 10.00
CA LEU B 146 -14.94 -2.72 10.39
C LEU B 146 -15.33 -3.25 11.75
N SER B 147 -15.83 -2.36 12.60
CA SER B 147 -16.24 -2.74 13.95
C SER B 147 -17.51 -3.59 13.90
N ASP B 148 -18.48 -3.16 13.10
CA ASP B 148 -19.76 -3.86 12.95
C ASP B 148 -19.62 -5.23 12.27
N LYS B 149 -18.93 -5.27 11.14
CA LYS B 149 -18.74 -6.50 10.37
C LYS B 149 -17.65 -7.44 10.85
N TYR B 150 -16.56 -6.89 11.36
CA TYR B 150 -15.46 -7.73 11.80
C TYR B 150 -15.09 -7.66 13.26
N LYS B 151 -15.84 -6.86 14.02
CA LYS B 151 -15.61 -6.75 15.46
C LYS B 151 -14.14 -6.52 15.81
N ILE B 152 -13.49 -5.62 15.09
CA ILE B 152 -12.08 -5.36 15.33
C ILE B 152 -11.75 -4.91 16.74
N TYR B 153 -12.74 -4.43 17.47
CA TYR B 153 -12.46 -3.96 18.82
C TYR B 153 -12.99 -4.81 19.98
N TYR B 154 -13.42 -6.03 19.65
CA TYR B 154 -13.88 -6.99 20.63
C TYR B 154 -12.64 -7.85 20.88
N LYS B 155 -12.20 -7.90 22.12
CA LYS B 155 -11.04 -8.70 22.49
C LYS B 155 -11.23 -10.13 21.96
N ASP B 156 -12.48 -10.56 21.99
CA ASP B 156 -12.92 -11.88 21.58
C ASP B 156 -12.90 -12.24 20.08
N SER B 157 -12.91 -11.25 19.19
CA SER B 157 -12.94 -11.55 17.76
C SER B 157 -11.63 -12.15 17.25
N GLU B 158 -11.66 -12.68 16.03
CA GLU B 158 -10.49 -13.31 15.45
C GLU B 158 -9.52 -12.37 14.76
N ILE B 159 -9.93 -11.13 14.50
CA ILE B 159 -9.03 -10.18 13.85
C ILE B 159 -7.96 -9.76 14.86
N SER B 160 -6.68 -9.91 14.51
CA SER B 160 -5.60 -9.54 15.43
C SER B 160 -4.72 -8.43 14.87
N LYS B 161 -4.86 -8.16 13.58
CA LYS B 161 -4.10 -7.10 12.93
C LYS B 161 -4.91 -6.49 11.81
N GLY B 162 -4.63 -5.24 11.50
CA GLY B 162 -5.34 -4.56 10.45
C GLY B 162 -4.70 -3.26 10.00
N LEU B 163 -4.77 -3.02 8.71
CA LEU B 163 -4.21 -1.79 8.15
C LEU B 163 -5.27 -1.15 7.25
N ILE B 164 -5.52 0.14 7.43
CA ILE B 164 -6.46 0.86 6.59
C ILE B 164 -5.61 1.84 5.80
N GLU B 165 -5.80 1.85 4.49
CA GLU B 165 -5.01 2.73 3.65
C GLU B 165 -5.89 3.58 2.74
N PHE B 166 -5.62 4.89 2.72
CA PHE B 166 -6.39 5.82 1.91
C PHE B 166 -5.53 6.30 0.75
N ASP B 167 -5.98 6.00 -0.46
CA ASP B 167 -5.24 6.40 -1.64
C ASP B 167 -5.88 7.56 -2.38
N MET B 168 -5.06 8.54 -2.72
CA MET B 168 -5.52 9.70 -3.45
C MET B 168 -5.41 9.40 -4.93
N LYS B 169 -5.94 10.29 -5.76
CA LYS B 169 -5.86 10.09 -7.20
C LYS B 169 -4.45 10.37 -7.68
N THR B 170 -3.65 10.98 -6.81
CA THR B 170 -2.26 11.25 -7.10
C THR B 170 -1.48 10.29 -6.21
N PRO B 171 -0.15 10.17 -6.40
CA PRO B 171 0.66 9.27 -5.60
C PRO B 171 0.78 9.72 -4.16
N ARG B 172 -0.32 9.74 -3.44
CA ARG B 172 -0.30 10.16 -2.05
C ARG B 172 -1.16 9.19 -1.28
N ASP B 173 -0.65 8.68 -0.17
CA ASP B 173 -1.42 7.72 0.60
C ASP B 173 -1.29 7.93 2.11
N TYR B 174 -2.38 7.66 2.81
CA TYR B 174 -2.41 7.80 4.26
C TYR B 174 -2.91 6.47 4.79
N SER B 175 -2.30 5.99 5.86
CA SER B 175 -2.71 4.72 6.41
C SER B 175 -2.75 4.74 7.93
N PHE B 176 -3.49 3.79 8.48
CA PHE B 176 -3.62 3.65 9.92
C PHE B 176 -3.55 2.19 10.31
N ASP B 177 -2.82 1.93 11.39
CA ASP B 177 -2.69 0.58 11.95
C ASP B 177 -3.79 0.62 13.00
N ILE B 178 -4.85 -0.16 12.80
CA ILE B 178 -5.97 -0.12 13.73
C ILE B 178 -5.66 -0.53 15.15
N TYR B 179 -4.54 -1.18 15.40
CA TYR B 179 -4.21 -1.57 16.76
C TYR B 179 -3.02 -0.79 17.32
N ASP B 180 -2.51 0.15 16.53
CA ASP B 180 -1.39 0.96 16.97
C ASP B 180 -1.91 2.24 17.62
N LEU B 181 -2.48 2.11 18.83
CA LEU B 181 -3.02 3.25 19.56
C LEU B 181 -1.91 3.94 20.36
N LYS B 182 -1.86 5.27 20.30
CA LYS B 182 -0.84 6.02 21.02
C LYS B 182 -0.83 5.65 22.51
N GLY B 183 -1.99 5.24 23.02
CA GLY B 183 -2.12 4.86 24.41
C GLY B 183 -3.48 4.25 24.64
N GLU B 184 -3.95 4.19 25.88
CA GLU B 184 -5.26 3.60 26.08
C GLU B 184 -6.37 4.56 26.47
N ASN B 185 -6.04 5.84 26.60
CA ASN B 185 -7.05 6.85 26.93
C ASN B 185 -7.24 7.72 25.69
N ASP B 186 -8.49 8.11 25.42
CA ASP B 186 -8.81 8.90 24.25
C ASP B 186 -7.97 10.14 24.03
N TYR B 187 -7.70 10.90 25.10
CA TYR B 187 -6.92 12.13 24.97
C TYR B 187 -5.55 11.86 24.35
N GLU B 188 -5.12 10.60 24.41
CA GLU B 188 -3.84 10.19 23.84
C GLU B 188 -4.00 9.57 22.46
N ILE B 189 -4.91 8.61 22.36
CA ILE B 189 -5.19 7.94 21.09
C ILE B 189 -5.49 8.94 19.99
N ASP B 190 -6.33 9.93 20.30
CA ASP B 190 -6.77 10.90 19.32
C ASP B 190 -5.82 11.99 18.86
N LYS B 191 -4.62 12.05 19.44
CA LYS B 191 -3.66 13.05 19.04
C LYS B 191 -3.29 12.84 17.57
N ILE B 192 -3.50 11.63 17.06
CA ILE B 192 -3.19 11.36 15.67
C ILE B 192 -4.04 12.22 14.74
N TYR B 193 -5.08 12.86 15.27
CA TYR B 193 -5.94 13.70 14.45
C TYR B 193 -5.74 15.19 14.66
N GLU B 194 -4.87 15.59 15.58
CA GLU B 194 -4.67 17.01 15.86
C GLU B 194 -4.18 17.83 14.68
N ASP B 195 -3.52 17.20 13.71
CA ASP B 195 -3.04 17.93 12.55
C ASP B 195 -4.22 18.39 11.70
N ASN B 196 -5.40 17.86 12.00
CA ASN B 196 -6.62 18.21 11.26
C ASN B 196 -6.46 17.96 9.77
N LYS B 197 -5.75 16.87 9.43
CA LYS B 197 -5.52 16.52 8.02
C LYS B 197 -6.83 16.52 7.26
N THR B 198 -6.88 17.32 6.20
CA THR B 198 -8.07 17.43 5.39
C THR B 198 -7.75 17.06 3.94
N LEU B 199 -8.69 16.37 3.29
CA LEU B 199 -8.49 15.96 1.91
C LEU B 199 -9.61 16.44 1.00
N LYS B 200 -9.27 16.76 -0.25
CA LYS B 200 -10.28 17.17 -1.20
C LYS B 200 -11.03 15.88 -1.53
N SER B 201 -12.28 15.79 -1.08
CA SER B 201 -13.10 14.61 -1.30
C SER B 201 -12.97 14.03 -2.71
N ASP B 202 -13.07 14.90 -3.71
CA ASP B 202 -13.00 14.45 -5.10
C ASP B 202 -11.63 13.95 -5.54
N ASP B 203 -10.59 14.23 -4.76
CA ASP B 203 -9.26 13.77 -5.12
C ASP B 203 -8.95 12.43 -4.46
N ILE B 204 -9.89 11.89 -3.68
CA ILE B 204 -9.67 10.61 -3.05
C ILE B 204 -9.95 9.51 -4.08
N SER B 205 -9.07 8.53 -4.20
CA SER B 205 -9.30 7.47 -5.15
C SER B 205 -10.10 6.31 -4.58
N HIS B 206 -9.53 5.64 -3.59
CA HIS B 206 -10.19 4.49 -2.95
C HIS B 206 -9.48 4.13 -1.65
N ILE B 207 -10.05 3.18 -0.92
CA ILE B 207 -9.51 2.71 0.36
C ILE B 207 -9.22 1.21 0.33
N ASP B 208 -8.11 0.80 0.94
CA ASP B 208 -7.74 -0.61 1.01
C ASP B 208 -7.67 -1.05 2.47
N VAL B 209 -8.45 -2.08 2.80
CA VAL B 209 -8.47 -2.59 4.15
C VAL B 209 -8.01 -4.04 4.18
N ASN B 210 -6.88 -4.28 4.85
CA ASN B 210 -6.31 -5.62 4.99
C ASN B 210 -6.30 -6.04 6.46
N LEU B 211 -7.07 -7.08 6.78
CA LEU B 211 -7.14 -7.59 8.15
C LEU B 211 -6.52 -8.99 8.19
N TYR B 212 -6.07 -9.40 9.38
CA TYR B 212 -5.48 -10.71 9.57
C TYR B 212 -5.89 -11.34 10.89
N THR B 213 -6.04 -12.66 10.89
CA THR B 213 -6.42 -13.39 12.10
C THR B 213 -5.19 -14.02 12.75
S SO4 C . 5.01 -20.78 -14.72
O1 SO4 C . 5.63 -20.29 -13.47
O2 SO4 C . 3.70 -21.36 -14.43
O3 SO4 C . 4.84 -19.65 -15.66
O4 SO4 C . 5.90 -21.79 -15.33
S SO4 D . 18.22 10.21 -24.23
O1 SO4 D . 18.03 10.35 -22.77
O2 SO4 D . 17.41 9.10 -24.73
O3 SO4 D . 17.82 11.46 -24.91
O4 SO4 D . 19.64 9.93 -24.51
S SO4 E . -20.98 13.92 5.93
O1 SO4 E . -19.54 14.28 5.85
O2 SO4 E . -21.50 13.67 4.57
O3 SO4 E . -21.15 12.71 6.75
O4 SO4 E . -21.72 15.04 6.53
S SO4 F . -5.87 -6.10 30.55
O1 SO4 F . -5.55 -6.51 29.14
O2 SO4 F . -7.18 -5.38 30.56
O3 SO4 F . -5.96 -7.33 31.43
O4 SO4 F . -4.76 -5.21 31.05
S SO4 G . -16.07 30.71 4.40
O1 SO4 G . -16.38 29.90 5.60
O2 SO4 G . -15.62 29.83 3.31
O3 SO4 G . -17.27 31.45 3.97
O4 SO4 G . -14.99 31.67 4.73
S SO4 H . -2.48 6.92 27.91
O1 SO4 H . -1.62 8.02 28.38
O2 SO4 H . -2.11 6.56 26.53
O3 SO4 H . -2.31 5.75 28.78
O4 SO4 H . -3.87 7.36 27.91
S SO4 I . 2.42 26.33 16.94
O1 SO4 I . 2.06 25.06 17.63
O2 SO4 I . 2.73 26.04 15.52
O3 SO4 I . 1.29 27.27 17.02
O4 SO4 I . 3.61 26.92 17.58
#